data_6XY5
#
_entry.id   6XY5
#
_cell.length_a   82.302
_cell.length_b   112.109
_cell.length_c   62.571
_cell.angle_alpha   90.000
_cell.angle_beta   90.000
_cell.angle_gamma   90.000
#
_symmetry.space_group_name_H-M   'C 2 2 21'
#
loop_
_entity.id
_entity.type
_entity.pdbx_description
1 polymer '14-3-3 protein sigma'
2 polymer 'Estrogen Related Receptor gamma phosphopeptide'
3 non-polymer 'MAGNESIUM ION'
4 non-polymer 'CHLORIDE ION'
5 non-polymer 3-bromanyl-~{N}-methyl-~{N}-(2-sulfanylethyl)benzamide
6 water water
#
loop_
_entity_poly.entity_id
_entity_poly.type
_entity_poly.pdbx_seq_one_letter_code
_entity_poly.pdbx_strand_id
1 'polypeptide(L)'
;GAMGSMERASLIQKAKLAEQAERYEDMAAFMKGAVEKGEELSNEERNLLSVAYKNVVGGQRAAWRVLSSIEQKSNEEGSE
EKGPEVREYREKVETELQGVCDTVLGLLDSHLIKEAGDAESRVFYLKMKGDYYRYLAEVATGDDKKRIIDSARSAYQEAM
DISKKEMPPTNPIRLGLALNFSVFHYEIANSPEEAISLAKTTFDEAMADLHTLSEDSYKDSTLIMQLLRDNLTLWT
;
A
2 'polypeptide(L)' KRRRK(SEP)CQA B
#
loop_
_chem_comp.id
_chem_comp.type
_chem_comp.name
_chem_comp.formula
CL non-polymer 'CHLORIDE ION' 'Cl -1'
MG non-polymer 'MAGNESIUM ION' 'Mg 2'
O4E non-polymer 3-bromanyl-~{N}-methyl-~{N}-(2-sulfanylethyl)benzamide 'C10 H12 Br N O S'
#
# COMPACT_ATOMS: atom_id res chain seq x y z
N ALA A 2 -4.13 17.60 -16.67
CA ALA A 2 -2.92 18.09 -17.40
C ALA A 2 -2.46 17.08 -18.45
N MET A 3 -2.83 15.81 -18.25
CA MET A 3 -2.46 14.75 -19.17
C MET A 3 -3.56 14.43 -20.17
N GLY A 4 -4.64 15.21 -20.19
CA GLY A 4 -5.76 14.90 -21.04
C GLY A 4 -5.45 14.91 -22.51
N SER A 5 -4.46 15.68 -22.93
CA SER A 5 -4.14 15.72 -24.32
C SER A 5 -3.10 14.72 -24.77
N MET A 6 -2.56 13.91 -23.86
CA MET A 6 -1.57 12.91 -24.22
C MET A 6 -2.22 11.55 -24.41
N GLU A 7 -1.79 10.83 -25.44
CA GLU A 7 -2.30 9.48 -25.71
C GLU A 7 -2.06 8.57 -24.52
N ARG A 8 -3.01 7.67 -24.31
CA ARG A 8 -2.86 6.66 -23.26
C ARG A 8 -1.55 5.90 -23.41
N ALA A 9 -1.24 5.43 -24.61
CA ALA A 9 -0.04 4.62 -24.80
C ALA A 9 1.21 5.44 -24.49
N SER A 10 1.20 6.73 -24.83
CA SER A 10 2.34 7.58 -24.56
C SER A 10 2.51 7.82 -23.07
N LEU A 11 1.41 7.94 -22.33
CA LEU A 11 1.49 8.07 -20.89
C LEU A 11 2.11 6.83 -20.27
N ILE A 12 1.71 5.65 -20.73
N ILE A 12 1.72 5.65 -20.74
CA ILE A 12 2.28 4.42 -20.21
CA ILE A 12 2.30 4.43 -20.19
C ILE A 12 3.76 4.33 -20.56
C ILE A 12 3.77 4.32 -20.56
N GLN A 13 4.12 4.68 -21.79
CA GLN A 13 5.52 4.67 -22.19
C GLN A 13 6.34 5.62 -21.33
N LYS A 14 5.82 6.80 -21.08
CA LYS A 14 6.56 7.77 -20.27
C LYS A 14 6.60 7.37 -18.81
N ALA A 15 5.56 6.71 -18.30
CA ALA A 15 5.65 6.18 -16.95
C ALA A 15 6.81 5.22 -16.81
N LYS A 16 7.02 4.37 -17.82
CA LYS A 16 8.14 3.43 -17.78
C LYS A 16 9.48 4.14 -17.85
N LEU A 17 9.56 5.19 -18.66
CA LEU A 17 10.78 6.00 -18.72
C LEU A 17 11.02 6.69 -17.38
N ALA A 18 9.97 7.23 -16.78
CA ALA A 18 10.11 7.89 -15.50
C ALA A 18 10.60 6.90 -14.45
N GLU A 19 10.08 5.68 -14.48
CA GLU A 19 10.58 4.67 -13.55
C GLU A 19 12.09 4.47 -13.74
N GLN A 20 12.53 4.31 -14.98
CA GLN A 20 13.95 4.10 -15.24
C GLN A 20 14.80 5.26 -14.73
N ALA A 21 14.28 6.47 -14.82
CA ALA A 21 14.95 7.68 -14.36
C ALA A 21 14.73 7.97 -12.89
N GLU A 22 14.01 7.10 -12.19
CA GLU A 22 13.70 7.30 -10.77
C GLU A 22 12.98 8.62 -10.51
N ARG A 23 12.10 8.99 -11.44
CA ARG A 23 11.30 10.20 -11.37
C ARG A 23 9.87 9.79 -11.02
N TYR A 24 9.67 9.45 -9.75
CA TYR A 24 8.44 8.79 -9.35
C TYR A 24 7.25 9.73 -9.31
N GLU A 25 7.46 11.00 -8.99
CA GLU A 25 6.37 11.96 -9.09
C GLU A 25 5.87 12.04 -10.53
N ASP A 26 6.78 12.14 -11.50
CA ASP A 26 6.35 12.14 -12.88
C ASP A 26 5.65 10.84 -13.22
N MET A 27 6.22 9.72 -12.77
CA MET A 27 5.63 8.42 -13.06
C MET A 27 4.18 8.37 -12.58
N ALA A 28 3.94 8.87 -11.37
CA ALA A 28 2.59 8.86 -10.82
C ALA A 28 1.66 9.77 -11.61
N ALA A 29 2.14 10.95 -12.01
CA ALA A 29 1.31 11.83 -12.81
C ALA A 29 0.95 11.19 -14.15
N PHE A 30 1.90 10.51 -14.78
CA PHE A 30 1.59 9.83 -16.04
C PHE A 30 0.57 8.73 -15.83
N MET A 31 0.72 7.94 -14.76
CA MET A 31 -0.22 6.86 -14.51
C MET A 31 -1.60 7.37 -14.12
N LYS A 32 -1.65 8.45 -13.34
CA LYS A 32 -2.94 9.10 -13.08
C LYS A 32 -3.62 9.49 -14.39
N GLY A 33 -2.86 10.11 -15.29
CA GLY A 33 -3.42 10.46 -16.59
C GLY A 33 -3.91 9.24 -17.33
N ALA A 34 -3.15 8.14 -17.27
CA ALA A 34 -3.58 6.92 -17.95
C ALA A 34 -4.87 6.39 -17.34
N VAL A 35 -4.98 6.35 -16.01
CA VAL A 35 -6.21 5.89 -15.39
C VAL A 35 -7.38 6.74 -15.84
N GLU A 36 -7.18 8.05 -15.90
CA GLU A 36 -8.27 8.97 -16.22
C GLU A 36 -8.74 8.86 -17.66
N LYS A 37 -8.04 8.10 -18.52
CA LYS A 37 -8.57 7.82 -19.84
C LYS A 37 -9.83 6.98 -19.76
N GLY A 38 -10.05 6.29 -18.65
CA GLY A 38 -11.29 5.57 -18.42
C GLY A 38 -11.28 4.12 -18.78
N GLU A 39 -10.21 3.61 -19.38
N GLU A 39 -10.21 3.61 -19.37
CA GLU A 39 -10.12 2.19 -19.69
CA GLU A 39 -10.10 2.19 -19.69
C GLU A 39 -9.55 1.44 -18.49
C GLU A 39 -9.52 1.43 -18.51
N GLU A 40 -9.90 0.17 -18.40
CA GLU A 40 -9.31 -0.71 -17.39
C GLU A 40 -7.80 -0.80 -17.60
N LEU A 41 -7.09 -1.16 -16.53
N LEU A 41 -7.09 -1.17 -16.54
CA LEU A 41 -5.64 -1.32 -16.57
CA LEU A 41 -5.64 -1.30 -16.58
C LEU A 41 -5.31 -2.79 -16.71
C LEU A 41 -5.27 -2.77 -16.66
N SER A 42 -4.26 -3.07 -17.47
CA SER A 42 -3.71 -4.42 -17.53
C SER A 42 -2.89 -4.70 -16.28
N ASN A 43 -2.44 -5.95 -16.14
CA ASN A 43 -1.62 -6.32 -14.99
C ASN A 43 -0.37 -5.45 -14.91
N GLU A 44 0.31 -5.29 -16.03
CA GLU A 44 1.53 -4.48 -16.04
C GLU A 44 1.21 -3.04 -15.64
N GLU A 45 0.11 -2.50 -16.16
CA GLU A 45 -0.24 -1.10 -15.89
C GLU A 45 -0.63 -0.92 -14.42
N ARG A 46 -1.33 -1.88 -13.82
CA ARG A 46 -1.63 -1.79 -12.40
C ARG A 46 -0.35 -1.74 -11.59
N ASN A 47 0.63 -2.54 -11.98
CA ASN A 47 1.88 -2.53 -11.25
C ASN A 47 2.62 -1.22 -11.42
N LEU A 48 2.55 -0.58 -12.60
CA LEU A 48 3.15 0.73 -12.77
C LEU A 48 2.49 1.75 -11.86
N LEU A 49 1.16 1.70 -11.77
CA LEU A 49 0.43 2.63 -10.90
C LEU A 49 0.86 2.46 -9.46
N SER A 50 0.96 1.21 -9.02
CA SER A 50 1.34 0.94 -7.64
C SER A 50 2.77 1.36 -7.36
N VAL A 51 3.71 1.03 -8.24
CA VAL A 51 5.09 1.42 -8.02
C VAL A 51 5.20 2.92 -7.89
N ALA A 52 4.52 3.65 -8.77
CA ALA A 52 4.68 5.09 -8.80
C ALA A 52 4.22 5.71 -7.49
N TYR A 53 2.99 5.42 -7.08
CA TYR A 53 2.44 6.04 -5.89
C TYR A 53 3.08 5.50 -4.63
N LYS A 54 3.48 4.23 -4.59
CA LYS A 54 4.15 3.74 -3.39
C LYS A 54 5.46 4.46 -3.16
N ASN A 55 6.20 4.76 -4.23
CA ASN A 55 7.45 5.49 -4.09
C ASN A 55 7.18 6.93 -3.68
N VAL A 56 6.20 7.59 -4.27
CA VAL A 56 5.88 8.96 -3.86
C VAL A 56 5.49 9.01 -2.39
N VAL A 57 4.50 8.20 -2.01
N VAL A 57 4.48 8.22 -2.01
CA VAL A 57 4.03 8.26 -0.63
CA VAL A 57 4.04 8.29 -0.62
C VAL A 57 5.06 7.72 0.33
C VAL A 57 5.13 7.79 0.32
N GLY A 58 5.93 6.82 -0.13
CA GLY A 58 6.96 6.29 0.74
C GLY A 58 7.95 7.36 1.15
N GLY A 59 8.30 8.23 0.22
CA GLY A 59 9.18 9.33 0.56
C GLY A 59 8.51 10.30 1.51
N GLN A 60 7.23 10.56 1.31
CA GLN A 60 6.50 11.46 2.21
C GLN A 60 6.40 10.86 3.60
N ARG A 61 6.11 9.56 3.69
CA ARG A 61 5.99 8.93 4.99
C ARG A 61 7.32 8.95 5.73
N ALA A 62 8.40 8.68 5.03
CA ALA A 62 9.71 8.72 5.69
C ALA A 62 10.00 10.12 6.22
N ALA A 63 9.69 11.14 5.43
CA ALA A 63 9.93 12.52 5.86
C ALA A 63 9.04 12.88 7.04
N TRP A 64 7.77 12.48 6.99
CA TRP A 64 6.84 12.72 8.09
C TRP A 64 7.36 12.10 9.38
N ARG A 65 7.91 10.90 9.29
CA ARG A 65 8.39 10.25 10.51
C ARG A 65 9.61 10.98 11.07
N VAL A 66 10.50 11.46 10.20
CA VAL A 66 11.63 12.26 10.67
C VAL A 66 11.13 13.49 11.40
N LEU A 67 10.19 14.21 10.79
CA LEU A 67 9.71 15.46 11.36
C LEU A 67 8.90 15.22 12.62
N SER A 68 8.08 14.15 12.63
N SER A 68 8.09 14.15 12.64
CA SER A 68 7.30 13.83 13.82
CA SER A 68 7.31 13.85 13.83
C SER A 68 8.20 13.51 15.00
C SER A 68 8.22 13.53 15.00
N SER A 69 9.32 12.84 14.75
CA SER A 69 10.25 12.53 15.82
C SER A 69 10.88 13.81 16.38
N ILE A 70 11.30 14.72 15.49
CA ILE A 70 11.84 16.00 15.94
C ILE A 70 10.81 16.75 16.76
N GLU A 71 9.55 16.75 16.31
CA GLU A 71 8.49 17.45 17.02
C GLU A 71 8.28 16.83 18.39
N GLN A 72 8.30 15.50 18.47
CA GLN A 72 8.15 14.82 19.75
C GLN A 72 9.25 15.21 20.71
N LYS A 73 10.50 15.20 20.24
CA LYS A 73 11.61 15.61 21.09
C LYS A 73 11.46 17.08 21.51
N SER A 74 10.88 17.90 20.64
CA SER A 74 10.70 19.32 20.95
C SER A 74 9.71 19.53 22.09
N ASN A 75 8.78 18.60 22.29
CA ASN A 75 7.77 18.74 23.32
C ASN A 75 8.08 17.92 24.57
N GLU A 76 9.30 17.41 24.68
CA GLU A 76 9.79 16.85 25.93
C GLU A 76 10.13 17.98 26.89
N GLU A 77 9.83 17.79 28.17
CA GLU A 77 10.18 18.79 29.16
C GLU A 77 11.68 18.79 29.37
N GLY A 78 12.28 19.99 29.40
CA GLY A 78 13.70 20.18 29.28
C GLY A 78 14.11 20.76 27.95
N SER A 79 13.29 20.55 26.91
CA SER A 79 13.58 21.05 25.57
C SER A 79 13.24 22.53 25.48
N GLU A 80 14.02 23.25 24.69
CA GLU A 80 13.81 24.68 24.52
C GLU A 80 12.71 24.95 23.51
N GLU A 81 11.92 25.98 23.79
CA GLU A 81 10.93 26.47 22.85
C GLU A 81 11.63 26.92 21.56
N LYS A 82 11.29 26.29 20.44
CA LYS A 82 11.86 26.71 19.16
C LYS A 82 10.82 27.35 18.24
N GLY A 83 9.59 27.53 18.72
CA GLY A 83 8.55 28.17 17.94
C GLY A 83 7.69 27.17 17.20
N PRO A 84 6.84 27.67 16.32
CA PRO A 84 5.86 26.82 15.62
C PRO A 84 6.42 26.11 14.40
N GLU A 85 7.69 26.28 14.08
CA GLU A 85 8.17 25.90 12.75
C GLU A 85 8.17 24.39 12.56
N VAL A 86 8.55 23.61 13.57
CA VAL A 86 8.60 22.16 13.38
C VAL A 86 7.20 21.63 13.12
N ARG A 87 6.24 22.06 13.94
CA ARG A 87 4.86 21.65 13.74
C ARG A 87 4.36 22.08 12.38
N GLU A 88 4.63 23.33 11.99
CA GLU A 88 4.15 23.82 10.71
C GLU A 88 4.68 22.97 9.57
N TYR A 89 5.97 22.66 9.60
CA TYR A 89 6.56 21.91 8.49
C TYR A 89 6.11 20.46 8.50
N ARG A 90 5.97 19.85 9.68
CA ARG A 90 5.36 18.53 9.75
C ARG A 90 3.96 18.54 9.17
N GLU A 91 3.18 19.58 9.48
CA GLU A 91 1.84 19.69 8.95
C GLU A 91 1.86 19.85 7.44
N LYS A 92 2.83 20.60 6.90
CA LYS A 92 2.91 20.77 5.47
C LYS A 92 3.14 19.43 4.79
N VAL A 93 4.13 18.67 5.27
CA VAL A 93 4.40 17.36 4.70
C VAL A 93 3.20 16.44 4.88
N GLU A 94 2.55 16.50 6.04
CA GLU A 94 1.39 15.66 6.30
C GLU A 94 0.27 15.95 5.32
N THR A 95 0.02 17.24 5.05
CA THR A 95 -1.06 17.60 4.16
C THR A 95 -0.75 17.13 2.74
N GLU A 96 0.50 17.23 2.32
N GLU A 96 0.50 17.22 2.32
CA GLU A 96 0.88 16.74 1.00
CA GLU A 96 0.85 16.73 1.00
C GLU A 96 0.68 15.23 0.91
C GLU A 96 0.68 15.22 0.91
N LEU A 97 1.08 14.51 1.96
CA LEU A 97 0.88 13.07 2.02
C LEU A 97 -0.58 12.71 1.95
N GLN A 98 -1.41 13.38 2.74
CA GLN A 98 -2.84 13.13 2.69
C GLN A 98 -3.39 13.39 1.31
N GLY A 99 -2.89 14.42 0.65
CA GLY A 99 -3.35 14.72 -0.70
C GLY A 99 -3.05 13.60 -1.69
N VAL A 100 -1.85 13.02 -1.60
CA VAL A 100 -1.52 11.89 -2.46
C VAL A 100 -2.43 10.71 -2.13
N CYS A 101 -2.63 10.42 -0.85
CA CYS A 101 -3.51 9.31 -0.52
C CYS A 101 -4.91 9.55 -1.05
N ASP A 102 -5.44 10.76 -0.90
CA ASP A 102 -6.76 11.08 -1.42
C ASP A 102 -6.82 10.94 -2.93
N THR A 103 -5.73 11.30 -3.60
CA THR A 103 -5.70 11.14 -5.06
C THR A 103 -5.80 9.68 -5.45
N VAL A 104 -5.02 8.82 -4.80
CA VAL A 104 -5.05 7.40 -5.14
C VAL A 104 -6.43 6.83 -4.83
N LEU A 105 -6.96 7.15 -3.65
CA LEU A 105 -8.27 6.65 -3.29
C LEU A 105 -9.32 7.15 -4.27
N GLY A 106 -9.15 8.38 -4.76
CA GLY A 106 -10.07 8.90 -5.76
C GLY A 106 -10.01 8.14 -7.06
N LEU A 107 -8.82 7.75 -7.50
CA LEU A 107 -8.72 6.93 -8.70
C LEU A 107 -9.38 5.58 -8.50
N LEU A 108 -9.18 4.98 -7.33
CA LEU A 108 -9.78 3.68 -7.07
C LEU A 108 -11.30 3.79 -7.07
N ASP A 109 -11.83 4.88 -6.53
CA ASP A 109 -13.28 5.08 -6.45
C ASP A 109 -13.88 5.57 -7.76
N SER A 110 -13.09 6.09 -8.65
CA SER A 110 -13.60 6.71 -9.90
C SER A 110 -12.63 6.37 -11.04
N HIS A 111 -12.70 5.16 -11.58
CA HIS A 111 -13.70 4.13 -11.28
C HIS A 111 -13.06 2.74 -11.34
N LEU A 112 -11.83 2.62 -10.84
CA LEU A 112 -11.09 1.39 -11.05
C LEU A 112 -11.75 0.21 -10.35
N ILE A 113 -12.13 0.37 -9.08
CA ILE A 113 -12.67 -0.77 -8.36
C ILE A 113 -13.98 -1.25 -8.99
N LYS A 114 -14.87 -0.32 -9.31
CA LYS A 114 -16.19 -0.77 -9.76
C LYS A 114 -16.12 -1.50 -11.08
N GLU A 115 -15.10 -1.24 -11.91
N GLU A 115 -15.11 -1.26 -11.91
CA GLU A 115 -14.95 -1.93 -13.18
CA GLU A 115 -15.01 -1.99 -13.17
C GLU A 115 -14.11 -3.20 -13.09
C GLU A 115 -14.13 -3.23 -13.08
N ALA A 116 -13.52 -3.50 -11.93
CA ALA A 116 -12.61 -4.62 -11.77
C ALA A 116 -13.40 -5.86 -11.36
N GLY A 117 -13.49 -6.82 -12.29
CA GLY A 117 -14.26 -8.04 -12.04
C GLY A 117 -13.42 -9.28 -11.83
N ASP A 118 -12.22 -9.32 -12.39
CA ASP A 118 -11.40 -10.50 -12.18
C ASP A 118 -10.73 -10.41 -10.81
N ALA A 119 -10.47 -11.56 -10.18
CA ALA A 119 -9.92 -11.54 -8.84
C ALA A 119 -8.58 -10.80 -8.80
N GLU A 120 -7.76 -10.97 -9.81
CA GLU A 120 -6.42 -10.39 -9.79
C GLU A 120 -6.49 -8.87 -9.76
N SER A 121 -7.45 -8.28 -10.47
CA SER A 121 -7.54 -6.84 -10.46
C SER A 121 -8.28 -6.35 -9.22
N ARG A 122 -9.38 -7.01 -8.86
CA ARG A 122 -10.19 -6.55 -7.74
C ARG A 122 -9.40 -6.62 -6.43
N VAL A 123 -8.72 -7.74 -6.18
CA VAL A 123 -7.92 -7.87 -4.97
C VAL A 123 -6.81 -6.83 -4.96
N PHE A 124 -6.15 -6.63 -6.11
CA PHE A 124 -5.08 -5.63 -6.21
C PHE A 124 -5.60 -4.26 -5.81
N TYR A 125 -6.75 -3.85 -6.33
CA TYR A 125 -7.24 -2.49 -6.06
C TYR A 125 -7.75 -2.36 -4.63
N LEU A 126 -8.41 -3.39 -4.10
CA LEU A 126 -8.86 -3.33 -2.72
C LEU A 126 -7.70 -3.33 -1.75
N LYS A 127 -6.65 -4.09 -2.03
CA LYS A 127 -5.42 -3.98 -1.25
C LYS A 127 -4.89 -2.56 -1.29
N MET A 128 -4.85 -1.94 -2.47
N MET A 128 -4.84 -1.94 -2.47
CA MET A 128 -4.37 -0.57 -2.56
CA MET A 128 -4.37 -0.56 -2.58
C MET A 128 -5.23 0.37 -1.73
C MET A 128 -5.23 0.35 -1.72
N LYS A 129 -6.55 0.17 -1.77
CA LYS A 129 -7.44 1.00 -0.97
C LYS A 129 -7.11 0.85 0.50
N GLY A 130 -6.91 -0.39 0.97
CA GLY A 130 -6.51 -0.59 2.36
C GLY A 130 -5.19 0.09 2.67
N ASP A 131 -4.22 -0.02 1.77
CA ASP A 131 -2.92 0.58 1.99
C ASP A 131 -3.01 2.10 2.16
N TYR A 132 -3.75 2.77 1.27
CA TYR A 132 -3.77 4.24 1.33
C TYR A 132 -4.61 4.75 2.50
N TYR A 133 -5.66 4.02 2.89
CA TYR A 133 -6.29 4.34 4.16
C TYR A 133 -5.35 4.07 5.33
N ARG A 134 -4.52 3.03 5.26
CA ARG A 134 -3.56 2.79 6.30
C ARG A 134 -2.56 3.94 6.41
N TYR A 135 -2.08 4.47 5.28
CA TYR A 135 -1.18 5.61 5.35
C TYR A 135 -1.88 6.84 5.93
N LEU A 136 -3.16 7.05 5.60
CA LEU A 136 -3.90 8.12 6.25
C LEU A 136 -4.00 7.87 7.75
N ALA A 137 -4.20 6.61 8.16
CA ALA A 137 -4.31 6.29 9.58
C ALA A 137 -3.02 6.55 10.32
N GLU A 138 -1.88 6.36 9.66
CA GLU A 138 -0.60 6.58 10.30
C GLU A 138 -0.45 8.00 10.82
N VAL A 139 -1.07 8.98 10.16
CA VAL A 139 -0.93 10.39 10.53
C VAL A 139 -2.18 10.94 11.20
N ALA A 140 -3.23 10.14 11.34
CA ALA A 140 -4.50 10.62 11.87
C ALA A 140 -4.46 10.73 13.38
N THR A 141 -5.11 11.77 13.90
CA THR A 141 -5.18 12.02 15.33
C THR A 141 -6.52 12.57 15.80
N GLY A 142 -7.50 12.78 14.90
CA GLY A 142 -8.71 13.50 15.21
C GLY A 142 -9.94 12.61 15.28
N ASP A 143 -11.10 13.25 15.10
CA ASP A 143 -12.38 12.59 15.34
C ASP A 143 -12.69 11.51 14.32
N ASP A 144 -12.03 11.52 13.16
CA ASP A 144 -12.28 10.54 12.12
C ASP A 144 -11.25 9.41 12.10
N LYS A 145 -10.31 9.39 13.04
CA LYS A 145 -9.25 8.38 13.02
C LYS A 145 -9.81 6.96 13.08
N LYS A 146 -10.80 6.73 13.95
CA LYS A 146 -11.39 5.40 14.01
C LYS A 146 -12.05 5.05 12.69
N ARG A 147 -12.70 6.02 12.04
CA ARG A 147 -13.35 5.73 10.77
C ARG A 147 -12.31 5.47 9.69
N ILE A 148 -11.16 6.16 9.73
CA ILE A 148 -10.11 5.89 8.75
C ILE A 148 -9.58 4.48 8.92
N ILE A 149 -9.32 4.08 10.16
CA ILE A 149 -8.86 2.74 10.44
C ILE A 149 -9.87 1.72 9.97
N ASP A 150 -11.15 1.98 10.21
CA ASP A 150 -12.15 1.02 9.80
C ASP A 150 -12.23 0.92 8.29
N SER A 151 -12.01 2.04 7.59
CA SER A 151 -12.02 2.00 6.13
C SER A 151 -10.89 1.13 5.62
N ALA A 152 -9.70 1.26 6.22
CA ALA A 152 -8.60 0.38 5.82
C ALA A 152 -8.96 -1.07 6.07
N ARG A 153 -9.45 -1.38 7.27
N ARG A 153 -9.45 -1.38 7.28
CA ARG A 153 -9.80 -2.74 7.63
CA ARG A 153 -9.82 -2.74 7.64
C ARG A 153 -10.83 -3.31 6.66
C ARG A 153 -10.82 -3.30 6.66
N SER A 154 -11.85 -2.53 6.33
CA SER A 154 -12.92 -3.03 5.48
C SER A 154 -12.41 -3.37 4.09
N ALA A 155 -11.55 -2.52 3.53
CA ALA A 155 -11.00 -2.78 2.20
C ALA A 155 -10.12 -4.02 2.24
N TYR A 156 -9.24 -4.11 3.23
CA TYR A 156 -8.39 -5.29 3.35
C TYR A 156 -9.24 -6.56 3.51
N GLN A 157 -10.31 -6.48 4.31
CA GLN A 157 -11.12 -7.67 4.58
C GLN A 157 -11.82 -8.15 3.32
N GLU A 158 -12.38 -7.22 2.52
CA GLU A 158 -12.99 -7.62 1.27
C GLU A 158 -11.96 -8.25 0.34
N ALA A 159 -10.77 -7.68 0.26
CA ALA A 159 -9.72 -8.25 -0.57
C ALA A 159 -9.33 -9.64 -0.08
N MET A 160 -9.24 -9.82 1.24
N MET A 160 -9.24 -9.80 1.24
CA MET A 160 -8.89 -11.12 1.79
CA MET A 160 -8.91 -11.10 1.81
C MET A 160 -9.95 -12.14 1.44
C MET A 160 -9.95 -12.13 1.45
N ASP A 161 -11.22 -11.76 1.58
CA ASP A 161 -12.29 -12.71 1.33
C ASP A 161 -12.26 -13.19 -0.11
N ILE A 162 -12.03 -12.26 -1.05
CA ILE A 162 -11.96 -12.64 -2.46
C ILE A 162 -10.72 -13.50 -2.70
N SER A 163 -9.59 -13.09 -2.14
CA SER A 163 -8.33 -13.77 -2.41
C SER A 163 -8.39 -15.22 -1.93
N LYS A 164 -9.01 -15.46 -0.79
CA LYS A 164 -9.09 -16.82 -0.27
C LYS A 164 -9.99 -17.69 -1.11
N LYS A 165 -11.02 -17.10 -1.71
N LYS A 165 -11.04 -17.11 -1.70
CA LYS A 165 -11.97 -17.86 -2.52
CA LYS A 165 -11.95 -17.88 -2.54
C LYS A 165 -11.46 -18.09 -3.95
C LYS A 165 -11.35 -18.15 -3.90
N GLU A 166 -10.68 -17.15 -4.50
CA GLU A 166 -10.39 -17.17 -5.91
C GLU A 166 -8.94 -17.33 -6.32
N MET A 167 -8.00 -17.32 -5.38
N MET A 167 -8.00 -17.28 -5.37
CA MET A 167 -6.60 -17.40 -5.72
CA MET A 167 -6.59 -17.38 -5.68
C MET A 167 -5.88 -18.44 -4.88
C MET A 167 -5.94 -18.51 -4.90
N PRO A 168 -4.89 -19.12 -5.43
CA PRO A 168 -4.14 -20.10 -4.65
C PRO A 168 -3.36 -19.41 -3.55
N PRO A 169 -2.99 -20.15 -2.52
CA PRO A 169 -2.32 -19.54 -1.37
C PRO A 169 -0.95 -19.01 -1.68
N THR A 170 -0.38 -19.36 -2.85
CA THR A 170 0.92 -18.85 -3.24
C THR A 170 0.83 -17.62 -4.14
N ASN A 171 -0.35 -17.22 -4.55
CA ASN A 171 -0.47 -16.11 -5.48
C ASN A 171 0.20 -14.87 -4.89
N PRO A 172 1.12 -14.22 -5.61
CA PRO A 172 1.83 -13.08 -5.03
C PRO A 172 0.94 -11.93 -4.58
N ILE A 173 -0.18 -11.69 -5.26
CA ILE A 173 -1.09 -10.63 -4.82
C ILE A 173 -1.71 -11.01 -3.49
N ARG A 174 -2.17 -12.24 -3.38
CA ARG A 174 -2.73 -12.73 -2.13
C ARG A 174 -1.70 -12.63 -1.01
N LEU A 175 -0.46 -13.00 -1.30
CA LEU A 175 0.57 -12.95 -0.28
C LEU A 175 0.88 -11.52 0.14
N GLY A 176 1.00 -10.60 -0.83
CA GLY A 176 1.31 -9.22 -0.48
C GLY A 176 0.19 -8.55 0.28
N LEU A 177 -1.06 -8.92 -0.04
CA LEU A 177 -2.19 -8.43 0.70
C LEU A 177 -2.13 -8.90 2.15
N ALA A 178 -1.86 -10.20 2.35
CA ALA A 178 -1.79 -10.73 3.70
C ALA A 178 -0.66 -10.05 4.48
N LEU A 179 0.49 -9.88 3.83
CA LEU A 179 1.60 -9.18 4.47
C LEU A 179 1.16 -7.81 4.97
N ASN A 180 0.48 -7.06 4.11
CA ASN A 180 0.13 -5.68 4.48
C ASN A 180 -1.01 -5.65 5.49
N PHE A 181 -1.97 -6.55 5.39
CA PHE A 181 -3.04 -6.59 6.39
C PHE A 181 -2.47 -6.98 7.75
N SER A 182 -1.48 -7.87 7.75
N SER A 182 -1.47 -7.87 7.76
CA SER A 182 -0.82 -8.23 8.99
CA SER A 182 -0.83 -8.23 9.01
C SER A 182 -0.13 -7.02 9.60
C SER A 182 -0.11 -7.03 9.61
N VAL A 183 0.56 -6.23 8.78
CA VAL A 183 1.16 -4.98 9.27
C VAL A 183 0.09 -4.03 9.80
N PHE A 184 -1.02 -3.89 9.09
CA PHE A 184 -2.14 -3.12 9.61
C PHE A 184 -2.52 -3.57 11.02
N HIS A 185 -2.71 -4.88 11.21
CA HIS A 185 -3.09 -5.37 12.52
C HIS A 185 -2.04 -4.99 13.56
N TYR A 186 -0.77 -5.15 13.23
CA TYR A 186 0.29 -4.96 14.21
C TYR A 186 0.44 -3.49 14.58
N GLU A 187 0.48 -2.62 13.58
CA GLU A 187 0.91 -1.23 13.69
C GLU A 187 -0.23 -0.25 13.87
N ILE A 188 -1.39 -0.55 13.31
CA ILE A 188 -2.51 0.37 13.26
C ILE A 188 -3.62 -0.03 14.20
N ALA A 189 -4.01 -1.31 14.17
CA ALA A 189 -5.14 -1.78 14.95
C ALA A 189 -4.76 -2.29 16.33
N ASN A 190 -3.51 -2.20 16.73
CA ASN A 190 -3.10 -2.64 18.06
C ASN A 190 -3.47 -4.10 18.31
N SER A 191 -3.31 -4.92 17.29
CA SER A 191 -3.68 -6.34 17.32
C SER A 191 -2.48 -7.19 16.93
N PRO A 192 -1.41 -7.18 17.73
CA PRO A 192 -0.22 -7.95 17.35
C PRO A 192 -0.50 -9.44 17.23
N GLU A 193 -1.35 -10.02 18.08
CA GLU A 193 -1.61 -11.45 17.95
C GLU A 193 -2.29 -11.79 16.63
N GLU A 194 -3.23 -10.95 16.19
CA GLU A 194 -3.87 -11.18 14.89
C GLU A 194 -2.83 -11.05 13.78
N ALA A 195 -1.93 -10.08 13.90
CA ALA A 195 -0.89 -9.88 12.90
C ALA A 195 -0.01 -11.10 12.77
N ILE A 196 0.39 -11.66 13.91
CA ILE A 196 1.25 -12.83 13.94
C ILE A 196 0.52 -14.04 13.40
N SER A 197 -0.73 -14.26 13.85
N SER A 197 -0.72 -14.26 13.84
CA SER A 197 -1.50 -15.40 13.37
CA SER A 197 -1.48 -15.40 13.36
C SER A 197 -1.68 -15.33 11.85
C SER A 197 -1.68 -15.33 11.85
N LEU A 198 -2.01 -14.16 11.34
CA LEU A 198 -2.22 -14.02 9.90
C LEU A 198 -0.93 -14.31 9.15
N ALA A 199 0.19 -13.74 9.60
CA ALA A 199 1.44 -13.97 8.90
C ALA A 199 1.82 -15.45 8.90
N LYS A 200 1.65 -16.11 10.05
N LYS A 200 1.59 -16.11 10.04
CA LYS A 200 2.04 -17.51 10.14
CA LYS A 200 1.91 -17.53 10.18
C LYS A 200 1.13 -18.41 9.33
C LYS A 200 1.08 -18.39 9.26
N THR A 201 -0.18 -18.18 9.39
N THR A 201 -0.26 -18.27 9.35
CA THR A 201 -1.09 -19.00 8.60
CA THR A 201 -1.10 -19.12 8.52
C THR A 201 -0.83 -18.80 7.12
C THR A 201 -0.87 -18.82 7.05
N THR A 202 -0.63 -17.56 6.69
CA THR A 202 -0.34 -17.26 5.30
C THR A 202 0.93 -17.98 4.85
N PHE A 203 1.99 -17.86 5.65
CA PHE A 203 3.25 -18.50 5.31
C PHE A 203 3.08 -20.01 5.17
N ASP A 204 2.40 -20.62 6.14
CA ASP A 204 2.31 -22.08 6.17
C ASP A 204 1.46 -22.58 5.00
N GLU A 205 0.38 -21.89 4.68
CA GLU A 205 -0.48 -22.32 3.58
C GLU A 205 0.23 -22.13 2.25
N ALA A 206 1.06 -21.11 2.14
CA ALA A 206 1.82 -20.95 0.90
C ALA A 206 2.87 -22.04 0.78
N MET A 207 3.57 -22.35 1.87
CA MET A 207 4.58 -23.39 1.85
C MET A 207 4.01 -24.70 1.30
N ALA A 208 2.82 -25.05 1.75
CA ALA A 208 2.20 -26.31 1.36
C ALA A 208 1.78 -26.34 -0.09
N ASP A 209 1.72 -25.21 -0.78
CA ASP A 209 1.29 -25.12 -2.17
C ASP A 209 2.47 -24.90 -3.11
N LEU A 210 3.69 -24.72 -2.58
CA LEU A 210 4.83 -24.44 -3.45
C LEU A 210 5.08 -25.57 -4.44
N HIS A 211 4.71 -26.80 -4.07
CA HIS A 211 5.02 -27.94 -4.91
C HIS A 211 4.31 -27.88 -6.25
N THR A 212 3.28 -27.04 -6.36
CA THR A 212 2.52 -26.95 -7.60
C THR A 212 3.15 -26.00 -8.61
N LEU A 213 4.18 -25.27 -8.24
CA LEU A 213 4.66 -24.11 -8.99
C LEU A 213 5.86 -24.43 -9.85
N SER A 214 5.97 -23.70 -10.95
CA SER A 214 7.18 -23.67 -11.75
C SER A 214 8.30 -22.99 -10.96
N GLU A 215 9.53 -23.11 -11.47
CA GLU A 215 10.67 -22.46 -10.83
C GLU A 215 10.46 -20.96 -10.72
N ASP A 216 9.95 -20.32 -11.78
CA ASP A 216 9.80 -18.86 -11.74
C ASP A 216 8.72 -18.44 -10.75
N SER A 217 7.59 -19.15 -10.75
CA SER A 217 6.55 -18.83 -9.78
C SER A 217 7.01 -19.09 -8.35
N TYR A 218 7.77 -20.17 -8.16
CA TYR A 218 8.34 -20.48 -6.86
C TYR A 218 9.18 -19.32 -6.37
N LYS A 219 10.02 -18.76 -7.24
CA LYS A 219 10.83 -17.62 -6.85
C LYS A 219 9.97 -16.44 -6.43
N ASP A 220 8.92 -16.15 -7.20
CA ASP A 220 8.05 -15.02 -6.88
C ASP A 220 7.40 -15.22 -5.52
N SER A 221 6.86 -16.41 -5.28
CA SER A 221 6.12 -16.63 -4.04
C SER A 221 7.04 -16.67 -2.84
N THR A 222 8.19 -17.34 -2.97
CA THR A 222 9.07 -17.46 -1.82
C THR A 222 9.65 -16.12 -1.42
N LEU A 223 9.80 -15.19 -2.38
CA LEU A 223 10.28 -13.87 -2.03
C LEU A 223 9.35 -13.19 -1.04
N ILE A 224 8.04 -13.27 -1.29
CA ILE A 224 7.09 -12.62 -0.39
C ILE A 224 6.93 -13.41 0.89
N MET A 225 7.02 -14.74 0.80
CA MET A 225 7.01 -15.52 2.04
C MET A 225 8.14 -15.09 2.96
N GLN A 226 9.31 -14.74 2.39
CA GLN A 226 10.41 -14.32 3.25
C GLN A 226 10.09 -13.01 3.95
N LEU A 227 9.35 -12.11 3.31
CA LEU A 227 8.91 -10.89 3.98
C LEU A 227 8.00 -11.22 5.17
N LEU A 228 7.10 -12.18 5.00
CA LEU A 228 6.27 -12.63 6.12
C LEU A 228 7.15 -13.17 7.24
N ARG A 229 8.13 -14.00 6.88
CA ARG A 229 9.04 -14.55 7.88
C ARG A 229 9.82 -13.45 8.58
N ASP A 230 10.29 -12.47 7.82
CA ASP A 230 11.02 -11.37 8.45
C ASP A 230 10.18 -10.71 9.52
N ASN A 231 8.90 -10.49 9.24
CA ASN A 231 8.04 -9.87 10.24
C ASN A 231 7.81 -10.78 11.42
N LEU A 232 7.59 -12.07 11.17
CA LEU A 232 7.43 -13.00 12.28
C LEU A 232 8.67 -13.01 13.16
N THR A 233 9.85 -12.96 12.57
CA THR A 233 11.07 -12.95 13.37
C THR A 233 11.18 -11.66 14.18
N LEU A 234 10.80 -10.53 13.59
CA LEU A 234 10.84 -9.27 14.32
C LEU A 234 9.85 -9.26 15.47
N TRP A 235 8.70 -9.90 15.30
CA TRP A 235 7.57 -9.75 16.20
C TRP A 235 7.51 -10.82 17.27
N THR A 236 8.32 -11.86 17.18
CA THR A 236 8.29 -12.95 18.14
C THR A 236 9.68 -13.25 18.67
N ARG B 2 15.73 -2.06 12.27
CA ARG B 2 15.05 -3.17 11.61
C ARG B 2 13.55 -2.91 11.51
N ARG B 3 13.12 -2.29 10.42
CA ARG B 3 11.72 -1.92 10.22
C ARG B 3 10.96 -3.10 9.63
N ARG B 4 9.74 -3.31 10.13
CA ARG B 4 8.92 -4.38 9.60
C ARG B 4 8.70 -4.19 8.11
N LYS B 5 8.45 -5.30 7.42
CA LYS B 5 8.24 -5.26 5.98
C LYS B 5 6.79 -5.07 5.59
N SEP B 6 6.54 -4.22 4.60
CA SEP B 6 5.27 -4.25 3.88
CB SEP B 6 4.44 -2.97 4.11
OG SEP B 6 5.17 -1.86 3.63
C SEP B 6 5.60 -4.46 2.41
O SEP B 6 6.77 -4.52 2.03
P SEP B 6 4.39 -0.45 3.72
O1P SEP B 6 5.41 0.57 3.10
O2P SEP B 6 3.10 -0.52 2.79
O3P SEP B 6 4.09 -0.09 5.24
HB2 SEP B 6 4.28 -2.87 5.06
HB3 SEP B 6 3.60 -3.05 3.63
N CYS B 7 4.58 -4.58 1.59
CA CYS B 7 4.74 -5.03 0.21
C CYS B 7 5.21 -3.88 -0.67
N GLN B 8 6.48 -3.92 -1.07
CA GLN B 8 7.03 -2.83 -1.88
C GLN B 8 7.08 -3.16 -3.36
MG MG C . -8.43 -18.31 -9.54
CL CL D . 6.01 25.05 6.44
MG MG E . -14.08 -5.20 -15.98
C11 O4E F . 2.84 -5.08 -5.91
C12 O4E F . 3.87 -6.00 -5.92
C14 O4E F . 7.13 -9.02 -4.71
C02 O4E F . 6.17 -7.32 -2.31
C03 O4E F . 6.15 -6.90 -3.79
C05 O4E F . 4.83 -8.28 -5.44
C06 O4E F . 3.68 -7.28 -5.41
C07 O4E F . 2.46 -7.64 -4.88
C08 O4E F . 1.43 -6.73 -4.87
C10 O4E F . 1.61 -5.45 -5.38
N04 O4E F . 6.03 -8.06 -4.66
O13 O4E F . 4.74 -9.24 -6.14
S01 O4E F . 4.55 -7.96 -1.72
BR1 O4E F . -0.29 -7.21 -4.12
#